data_5OL0
#
_entry.id   5OL0
#
_cell.length_a   66.020
_cell.length_b   65.670
_cell.length_c   66.620
_cell.angle_alpha   90.00
_cell.angle_beta   97.75
_cell.angle_gamma   90.00
#
_symmetry.space_group_name_H-M   'P 1 21 1'
#
loop_
_entity.id
_entity.type
_entity.pdbx_description
1 polymer 'Putative silent information regulator 2,Putative silent information regulator 2'
2 polymer 'Cellular tumor antigen p53'
3 non-polymer 'ZINC ION'
4 water water
#
loop_
_entity_poly.entity_id
_entity_poly.type
_entity_poly.pdbx_seq_one_letter_code
_entity_poly.pdbx_strand_id
1 'polypeptide(L)'
;GHMTASPRAPHQEHVLGEPTLEGLAHYIREKNVRRILVLVGAGASVAAGIPDFRSPDTGIYANLGKYNLEDPTDAFSLTL
LREKPEIFYSIARELNLWPGHFQPTAVHHFIRLLQDEGRLLRCCTQNIDGLEKAAGVSPELLVEAHGSFAAAACIECHTP
FSIEQNYLEAMSGTVSRCSTCGGIVKPNVVFFGENLPDAFFDALHHDAPIAELVIIIGTSMQVHPFALLPCVVPKSVPRV
VMNRERVGGLLFRFASTSSSSDGYGQYGDYHAHPDVCRDVLFRGDCQENVVTLAEYLGLSEALAKRMRLSDAAPATAQRA
PNET
;
A,B
2 'polypeptide(L)' KKGQSTSRHK(ALY)LMFKTEG C,D
#
# COMPACT_ATOMS: atom_id res chain seq x y z
N ALA A 9 -16.59 -23.21 1.43
CA ALA A 9 -17.96 -22.62 1.37
C ALA A 9 -18.41 -22.40 -0.10
N PRO A 10 -19.57 -22.99 -0.50
CA PRO A 10 -20.13 -22.74 -1.86
C PRO A 10 -20.17 -21.26 -2.31
N HIS A 11 -20.68 -20.36 -1.45
CA HIS A 11 -20.78 -18.90 -1.78
C HIS A 11 -19.43 -18.19 -2.11
N GLN A 12 -18.32 -18.81 -1.73
CA GLN A 12 -16.97 -18.42 -2.14
C GLN A 12 -16.44 -19.06 -3.45
N GLU A 13 -17.15 -19.99 -4.10
CA GLU A 13 -16.72 -20.45 -5.43
C GLU A 13 -16.56 -19.23 -6.33
N HIS A 14 -15.38 -19.13 -6.89
CA HIS A 14 -14.96 -17.98 -7.67
C HIS A 14 -15.39 -18.08 -9.14
N VAL A 15 -15.86 -16.97 -9.67
CA VAL A 15 -16.14 -16.87 -11.12
C VAL A 15 -14.92 -17.30 -11.98
N LEU A 16 -13.69 -17.11 -11.48
CA LEU A 16 -12.51 -17.48 -12.27
C LEU A 16 -12.10 -18.97 -12.18
N GLY A 17 -12.76 -19.74 -11.31
CA GLY A 17 -12.39 -21.12 -11.03
C GLY A 17 -11.31 -21.05 -9.98
N GLU A 18 -10.07 -20.91 -10.42
CA GLU A 18 -8.95 -20.66 -9.50
C GLU A 18 -8.60 -19.19 -9.55
N PRO A 19 -8.66 -18.50 -8.40
CA PRO A 19 -8.40 -17.04 -8.42
C PRO A 19 -6.88 -16.72 -8.42
N THR A 20 -6.21 -17.11 -9.50
CA THR A 20 -4.74 -17.02 -9.59
C THR A 20 -4.43 -16.43 -10.95
N LEU A 21 -3.18 -16.06 -11.18
CA LEU A 21 -2.84 -15.49 -12.49
C LEU A 21 -3.06 -16.52 -13.59
N GLU A 22 -2.71 -17.78 -13.28
CA GLU A 22 -3.01 -18.93 -14.13
C GLU A 22 -4.51 -19.12 -14.45
N GLY A 23 -5.34 -19.10 -13.41
CA GLY A 23 -6.78 -19.17 -13.63
C GLY A 23 -7.36 -18.04 -14.46
N LEU A 24 -6.83 -16.82 -14.24
CA LEU A 24 -7.28 -15.69 -14.99
C LEU A 24 -6.97 -15.86 -16.45
N ALA A 25 -5.73 -16.28 -16.75
CA ALA A 25 -5.37 -16.47 -18.17
C ALA A 25 -6.25 -17.55 -18.83
N HIS A 26 -6.44 -18.67 -18.13
CA HIS A 26 -7.40 -19.74 -18.55
C HIS A 26 -8.76 -19.18 -18.82
N TYR A 27 -9.27 -18.36 -17.89
CA TYR A 27 -10.63 -17.82 -18.03
C TYR A 27 -10.71 -16.95 -19.28
N ILE A 28 -9.73 -16.06 -19.46
CA ILE A 28 -9.67 -15.22 -20.68
C ILE A 28 -9.65 -16.07 -21.98
N ARG A 29 -8.86 -17.14 -21.98
CA ARG A 29 -8.73 -17.97 -23.17
C ARG A 29 -9.94 -18.86 -23.37
N GLU A 30 -10.32 -19.63 -22.36
CA GLU A 30 -11.44 -20.55 -22.44
C GLU A 30 -12.75 -19.81 -22.74
N LYS A 31 -12.98 -18.65 -22.13
CA LYS A 31 -14.21 -17.93 -22.44
C LYS A 31 -14.05 -16.96 -23.57
N ASN A 32 -12.90 -16.94 -24.25
CA ASN A 32 -12.69 -16.00 -25.35
C ASN A 32 -13.09 -14.54 -24.95
N VAL A 33 -12.45 -14.03 -23.91
CA VAL A 33 -12.77 -12.70 -23.41
C VAL A 33 -12.19 -11.67 -24.33
N ARG A 34 -13.04 -10.82 -24.86
CA ARG A 34 -12.69 -9.77 -25.79
C ARG A 34 -12.97 -8.35 -25.34
N ARG A 35 -13.71 -8.18 -24.27
CA ARG A 35 -14.08 -6.86 -23.81
C ARG A 35 -13.41 -6.60 -22.41
N ILE A 36 -12.09 -6.43 -22.42
CA ILE A 36 -11.32 -6.23 -21.17
C ILE A 36 -11.20 -4.71 -20.96
N LEU A 37 -11.69 -4.24 -19.81
CA LEU A 37 -11.51 -2.85 -19.40
C LEU A 37 -10.28 -2.81 -18.49
N VAL A 38 -9.30 -2.00 -18.87
CA VAL A 38 -8.11 -1.89 -18.06
C VAL A 38 -8.13 -0.51 -17.50
N LEU A 39 -7.97 -0.43 -16.20
CA LEU A 39 -7.77 0.82 -15.46
C LEU A 39 -6.37 0.91 -14.88
N VAL A 40 -5.77 2.10 -14.97
CA VAL A 40 -4.40 2.28 -14.67
C VAL A 40 -4.22 3.44 -13.72
N GLY A 41 -3.39 3.29 -12.68
CA GLY A 41 -3.03 4.41 -11.79
C GLY A 41 -1.54 4.49 -11.50
N ALA A 42 -1.17 5.23 -10.45
CA ALA A 42 0.21 5.64 -10.19
C ALA A 42 1.14 4.43 -9.95
N GLY A 43 0.60 3.37 -9.37
CA GLY A 43 1.37 2.13 -9.15
C GLY A 43 2.01 1.52 -10.40
N ALA A 44 1.38 1.68 -11.57
CA ALA A 44 1.84 1.17 -12.88
C ALA A 44 3.07 1.86 -13.41
N SER A 45 3.31 3.07 -12.95
CA SER A 45 4.39 3.86 -13.53
C SER A 45 5.61 4.09 -12.61
N VAL A 46 5.53 3.64 -11.36
CA VAL A 46 6.70 3.60 -10.45
C VAL A 46 7.92 3.01 -11.11
N ALA A 47 7.75 1.86 -11.77
CA ALA A 47 8.87 1.22 -12.45
C ALA A 47 9.45 2.11 -13.60
N ALA A 48 8.75 3.12 -14.07
CA ALA A 48 9.36 3.99 -15.04
C ALA A 48 10.28 5.04 -14.41
N GLY A 49 10.26 5.15 -13.09
CA GLY A 49 11.10 6.14 -12.37
C GLY A 49 10.32 7.37 -12.08
N ILE A 50 9.01 7.33 -12.06
CA ILE A 50 8.26 8.57 -11.82
C ILE A 50 8.43 8.95 -10.33
N PRO A 51 8.86 10.22 -10.04
CA PRO A 51 8.97 10.74 -8.65
C PRO A 51 7.64 10.65 -7.87
N ASP A 52 7.61 9.81 -6.83
CA ASP A 52 6.50 9.78 -5.84
C ASP A 52 6.45 11.04 -4.94
N PHE A 53 5.34 11.79 -5.03
CA PHE A 53 5.05 12.96 -4.17
C PHE A 53 5.43 12.70 -2.71
N ARG A 54 5.07 11.49 -2.27
CA ARG A 54 4.98 11.13 -0.86
C ARG A 54 6.28 10.61 -0.28
N SER A 55 7.29 10.41 -1.13
CA SER A 55 8.55 9.85 -0.73
C SER A 55 9.55 10.91 -0.23
N PRO A 56 9.92 10.85 1.06
CA PRO A 56 10.84 11.86 1.66
C PRO A 56 12.20 12.14 1.02
N ASP A 57 12.89 11.16 0.49
CA ASP A 57 14.17 11.50 -0.19
C ASP A 57 14.01 11.97 -1.71
N THR A 58 12.79 12.23 -2.19
CA THR A 58 12.58 12.86 -3.50
C THR A 58 12.75 14.39 -3.46
N GLY A 59 13.06 14.93 -4.64
CA GLY A 59 13.11 16.36 -4.84
C GLY A 59 11.70 16.88 -4.77
N ILE A 60 10.75 16.14 -5.36
CA ILE A 60 9.36 16.56 -5.33
C ILE A 60 8.85 16.80 -3.88
N TYR A 61 9.13 15.88 -2.95
CA TYR A 61 8.71 16.04 -1.53
C TYR A 61 9.34 17.28 -0.80
N ALA A 62 10.64 17.46 -1.04
CA ALA A 62 11.42 18.59 -0.47
C ALA A 62 10.75 19.93 -0.74
N ASN A 63 10.41 20.14 -2.00
CA ASN A 63 9.64 21.29 -2.48
C ASN A 63 8.34 21.49 -1.66
N LEU A 64 7.43 20.51 -1.69
CA LEU A 64 6.08 20.58 -1.05
C LEU A 64 6.12 21.09 0.40
N GLY A 65 7.17 20.71 1.12
CA GLY A 65 7.42 21.13 2.49
C GLY A 65 7.26 22.61 2.73
N LYS A 66 8.05 23.46 2.05
CA LYS A 66 7.99 24.91 2.32
C LYS A 66 6.57 25.47 2.24
N TYR A 67 5.79 24.94 1.31
CA TYR A 67 4.42 25.41 1.08
C TYR A 67 3.39 24.96 2.12
N ASN A 68 3.61 23.82 2.76
CA ASN A 68 2.74 23.27 3.83
C ASN A 68 1.30 22.99 3.45
N LEU A 69 1.06 21.88 2.79
CA LEU A 69 -0.26 21.58 2.28
C LEU A 69 -0.92 20.45 3.06
N GLU A 70 -2.21 20.61 3.32
CA GLU A 70 -3.04 19.49 3.81
C GLU A 70 -3.28 18.56 2.60
N ASP A 71 -2.15 18.09 2.05
CA ASP A 71 -2.09 17.14 0.95
C ASP A 71 -1.28 17.39 -0.34
N PRO A 72 -0.34 16.51 -0.68
CA PRO A 72 0.31 16.79 -1.97
C PRO A 72 -0.68 17.09 -3.12
N THR A 73 -1.89 16.56 -3.00
CA THR A 73 -2.97 16.72 -3.97
C THR A 73 -3.57 18.13 -4.11
N ASP A 74 -3.26 19.04 -3.19
CA ASP A 74 -3.69 20.43 -3.34
C ASP A 74 -2.83 21.19 -4.37
N ALA A 75 -1.67 20.65 -4.69
CA ALA A 75 -0.89 21.16 -5.80
C ALA A 75 -1.69 21.09 -7.11
N PHE A 76 -2.62 20.12 -7.17
CA PHE A 76 -3.52 19.91 -8.32
C PHE A 76 -4.89 20.48 -8.06
N SER A 77 -4.95 21.53 -7.28
CA SER A 77 -6.20 22.17 -7.08
C SER A 77 -6.22 23.42 -7.90
N LEU A 78 -7.35 23.59 -8.58
CA LEU A 78 -7.60 24.67 -9.42
C LEU A 78 -7.60 26.00 -8.64
N THR A 79 -8.15 25.97 -7.44
CA THR A 79 -8.15 27.19 -6.60
C THR A 79 -6.74 27.62 -6.12
N LEU A 80 -5.90 26.66 -5.70
CA LEU A 80 -4.47 26.98 -5.46
C LEU A 80 -3.73 27.46 -6.71
N LEU A 81 -4.04 26.89 -7.88
CA LEU A 81 -3.45 27.40 -9.14
C LEU A 81 -3.79 28.87 -9.42
N ARG A 82 -5.05 29.25 -9.24
CA ARG A 82 -5.42 30.67 -9.43
C ARG A 82 -4.76 31.57 -8.39
N GLU A 83 -4.50 31.06 -7.21
CA GLU A 83 -4.04 31.90 -6.13
C GLU A 83 -2.54 32.04 -6.15
N LYS A 84 -1.85 30.91 -6.32
CA LYS A 84 -0.41 30.84 -6.20
C LYS A 84 0.14 29.83 -7.27
N PRO A 85 0.12 30.22 -8.55
CA PRO A 85 0.54 29.32 -9.64
C PRO A 85 2.02 28.85 -9.52
N GLU A 86 2.86 29.66 -8.90
CA GLU A 86 4.23 29.28 -8.64
C GLU A 86 4.29 27.91 -8.00
N ILE A 87 3.29 27.51 -7.22
CA ILE A 87 3.34 26.21 -6.54
C ILE A 87 3.21 25.04 -7.53
N PHE A 88 2.18 25.06 -8.36
CA PHE A 88 2.09 23.94 -9.31
C PHE A 88 3.25 24.03 -10.32
N TYR A 89 3.61 25.22 -10.77
CA TYR A 89 4.68 25.33 -11.76
C TYR A 89 5.99 24.80 -11.22
N SER A 90 6.20 25.00 -9.91
CA SER A 90 7.36 24.47 -9.25
C SER A 90 7.35 22.95 -9.20
N ILE A 91 6.19 22.36 -8.97
CA ILE A 91 6.06 20.92 -9.06
C ILE A 91 6.20 20.41 -10.50
N ALA A 92 5.65 21.15 -11.47
CA ALA A 92 5.69 20.71 -12.85
C ALA A 92 7.14 20.59 -13.36
N ARG A 93 7.97 21.54 -12.96
CA ARG A 93 9.38 21.55 -13.31
C ARG A 93 10.15 20.31 -12.83
N GLU A 94 9.75 19.75 -11.69
CA GLU A 94 10.41 18.59 -11.10
C GLU A 94 9.90 17.21 -11.52
N LEU A 95 8.65 17.11 -11.94
CA LEU A 95 8.08 15.80 -12.27
C LEU A 95 8.53 15.25 -13.59
N ASN A 96 8.92 16.12 -14.54
CA ASN A 96 9.47 15.69 -15.83
C ASN A 96 8.48 14.88 -16.68
N LEU A 97 7.20 15.26 -16.62
CA LEU A 97 6.15 14.49 -17.26
C LEU A 97 5.94 14.83 -18.72
N TRP A 98 6.77 15.72 -19.26
CA TRP A 98 6.70 16.14 -20.67
C TRP A 98 6.93 14.90 -21.48
N PRO A 99 6.12 14.67 -22.54
CA PRO A 99 6.33 13.41 -23.29
C PRO A 99 7.72 13.29 -23.90
N GLY A 100 8.26 12.10 -23.81
CA GLY A 100 9.51 11.77 -24.41
C GLY A 100 10.61 11.55 -23.37
N HIS A 101 10.35 11.87 -22.10
CA HIS A 101 11.35 11.50 -21.04
C HIS A 101 11.17 10.08 -20.45
N PHE A 102 10.10 9.85 -19.72
CA PHE A 102 9.89 8.52 -19.21
C PHE A 102 9.50 7.56 -20.34
N GLN A 103 9.75 6.29 -20.11
CA GLN A 103 9.40 5.27 -21.09
C GLN A 103 8.37 4.27 -20.52
N PRO A 104 7.61 3.61 -21.37
CA PRO A 104 6.61 2.68 -20.89
C PRO A 104 7.18 1.51 -20.16
N THR A 105 6.40 1.02 -19.21
CA THR A 105 6.70 -0.16 -18.40
C THR A 105 6.11 -1.43 -19.05
N ALA A 106 6.40 -2.57 -18.44
CA ALA A 106 5.81 -3.83 -18.80
C ALA A 106 4.27 -3.79 -18.77
N VAL A 107 3.68 -3.14 -17.76
CA VAL A 107 2.22 -2.98 -17.74
C VAL A 107 1.73 -2.27 -19.02
N HIS A 108 2.37 -1.15 -19.34
CA HIS A 108 1.97 -0.35 -20.49
C HIS A 108 2.04 -1.12 -21.86
N HIS A 109 3.15 -1.81 -22.05
CA HIS A 109 3.33 -2.67 -23.21
C HIS A 109 2.29 -3.80 -23.19
N PHE A 110 2.01 -4.37 -22.03
CA PHE A 110 1.00 -5.41 -21.95
C PHE A 110 -0.36 -4.95 -22.48
N ILE A 111 -0.76 -3.75 -22.10
CA ILE A 111 -2.01 -3.26 -22.56
C ILE A 111 -2.02 -3.12 -24.10
N ARG A 112 -0.92 -2.62 -24.64
CA ARG A 112 -0.78 -2.60 -26.04
C ARG A 112 -0.95 -4.01 -26.62
N LEU A 113 -0.33 -5.01 -26.02
CA LEU A 113 -0.56 -6.38 -26.50
C LEU A 113 -2.02 -6.79 -26.44
N LEU A 114 -2.76 -6.42 -25.36
CA LEU A 114 -4.16 -6.79 -25.33
C LEU A 114 -4.87 -6.15 -26.53
N GLN A 115 -4.51 -4.93 -26.89
CA GLN A 115 -5.15 -4.28 -28.01
C GLN A 115 -4.86 -5.02 -29.29
N ASP A 116 -3.61 -5.32 -29.49
CA ASP A 116 -3.22 -6.06 -30.71
C ASP A 116 -3.82 -7.47 -30.81
N GLU A 117 -4.17 -8.06 -29.68
CA GLU A 117 -4.91 -9.34 -29.66
C GLU A 117 -6.43 -9.19 -29.89
N GLY A 118 -6.94 -7.97 -29.96
CA GLY A 118 -8.37 -7.74 -30.07
C GLY A 118 -9.12 -8.01 -28.76
N ARG A 119 -8.46 -7.87 -27.59
CA ARG A 119 -9.14 -8.08 -26.28
C ARG A 119 -9.38 -6.82 -25.43
N LEU A 120 -9.00 -5.64 -25.93
CA LEU A 120 -9.11 -4.43 -25.13
C LEU A 120 -10.34 -3.73 -25.48
N LEU A 121 -11.28 -3.62 -24.55
CA LEU A 121 -12.44 -2.75 -24.73
C LEU A 121 -12.03 -1.26 -24.56
N ARG A 122 -11.29 -0.96 -23.51
CA ARG A 122 -10.86 0.44 -23.30
C ARG A 122 -9.80 0.40 -22.25
N CYS A 123 -8.86 1.30 -22.38
CA CYS A 123 -7.90 1.54 -21.32
C CYS A 123 -8.20 2.93 -20.76
N CYS A 124 -8.43 3.01 -19.45
CA CYS A 124 -8.74 4.29 -18.80
C CYS A 124 -7.68 4.49 -17.75
N THR A 125 -6.95 5.59 -17.84
CA THR A 125 -5.82 5.86 -16.93
C THR A 125 -6.08 7.14 -16.16
N GLN A 126 -5.77 7.12 -14.89
CA GLN A 126 -5.76 8.33 -14.11
C GLN A 126 -4.36 8.95 -14.03
N ASN A 127 -3.37 8.30 -14.64
CA ASN A 127 -2.02 8.85 -14.70
C ASN A 127 -1.97 9.99 -15.74
N ILE A 128 -1.03 10.90 -15.51
CA ILE A 128 -0.87 12.05 -16.40
C ILE A 128 0.46 11.98 -17.11
N ASP A 129 1.02 10.77 -17.18
CA ASP A 129 2.37 10.60 -17.72
C ASP A 129 2.40 10.27 -19.20
N GLY A 130 1.25 10.07 -19.85
CA GLY A 130 1.22 9.69 -21.26
C GLY A 130 1.87 8.35 -21.66
N LEU A 131 2.18 7.48 -20.71
CA LEU A 131 2.83 6.24 -21.10
C LEU A 131 1.99 5.19 -21.80
N GLU A 132 0.70 5.19 -21.62
CA GLU A 132 -0.15 4.30 -22.39
C GLU A 132 -0.02 4.66 -23.91
N LYS A 133 -0.13 5.96 -24.19
CA LYS A 133 0.06 6.53 -25.53
C LYS A 133 1.48 6.23 -26.04
N ALA A 134 2.46 6.32 -25.17
CA ALA A 134 3.85 6.01 -25.58
C ALA A 134 4.02 4.56 -25.95
N ALA A 135 3.24 3.67 -25.33
CA ALA A 135 3.27 2.25 -25.67
C ALA A 135 2.46 1.90 -26.94
N GLY A 136 1.76 2.84 -27.54
CA GLY A 136 0.97 2.65 -28.79
C GLY A 136 -0.47 2.25 -28.57
N VAL A 137 -1.02 2.55 -27.41
CA VAL A 137 -2.44 2.26 -27.23
C VAL A 137 -3.14 3.28 -28.07
N SER A 138 -4.09 2.83 -28.89
CA SER A 138 -4.61 3.72 -29.92
C SER A 138 -5.58 4.79 -29.32
N PRO A 139 -5.79 5.89 -30.06
CA PRO A 139 -6.64 6.97 -29.56
C PRO A 139 -8.08 6.60 -29.25
N GLU A 140 -8.68 5.77 -30.09
CA GLU A 140 -10.04 5.30 -29.87
C GLU A 140 -10.13 4.38 -28.65
N LEU A 141 -9.04 3.71 -28.28
CA LEU A 141 -9.06 2.79 -27.12
C LEU A 141 -8.52 3.37 -25.80
N LEU A 142 -7.84 4.50 -25.87
CA LEU A 142 -7.24 5.11 -24.69
C LEU A 142 -8.07 6.31 -24.20
N VAL A 143 -8.34 6.34 -22.90
CA VAL A 143 -8.91 7.48 -22.21
C VAL A 143 -7.95 7.96 -21.14
N GLU A 144 -7.37 9.14 -21.40
CA GLU A 144 -6.54 9.89 -20.44
C GLU A 144 -7.51 10.66 -19.60
N ALA A 145 -8.09 10.03 -18.58
CA ALA A 145 -9.16 10.64 -17.86
C ALA A 145 -8.83 11.93 -17.08
N HIS A 146 -7.55 12.11 -16.76
CA HIS A 146 -7.02 13.28 -16.10
C HIS A 146 -6.06 14.08 -16.93
N GLY A 147 -6.14 13.89 -18.23
CA GLY A 147 -5.27 14.59 -19.20
C GLY A 147 -3.83 14.19 -19.13
N SER A 148 -2.95 15.11 -19.54
CA SER A 148 -1.51 14.89 -19.60
C SER A 148 -0.79 16.19 -20.00
N PHE A 149 0.55 16.08 -20.07
CA PHE A 149 1.44 17.22 -20.45
C PHE A 149 1.69 17.36 -21.96
N ALA A 150 0.78 16.84 -22.73
CA ALA A 150 0.97 16.79 -24.17
C ALA A 150 0.49 18.04 -24.85
N ALA A 151 -0.40 18.81 -24.19
CA ALA A 151 -1.01 20.04 -24.75
C ALA A 151 -1.28 20.94 -23.54
N ALA A 152 -1.62 22.19 -23.81
CA ALA A 152 -1.78 23.18 -22.78
C ALA A 152 -2.92 24.12 -23.14
N ALA A 153 -3.46 24.82 -22.14
CA ALA A 153 -4.60 25.73 -22.38
C ALA A 153 -4.80 26.70 -21.22
N CYS A 154 -5.40 27.84 -21.53
CA CYS A 154 -5.85 28.78 -20.48
C CYS A 154 -6.94 28.21 -19.59
N ILE A 155 -6.78 28.33 -18.29
CA ILE A 155 -7.83 27.83 -17.38
C ILE A 155 -9.08 28.73 -17.36
N GLU A 156 -8.97 30.03 -17.68
CA GLU A 156 -10.14 30.93 -17.67
C GLU A 156 -10.97 30.76 -18.97
N CYS A 157 -10.37 30.99 -20.15
CA CYS A 157 -11.09 30.89 -21.43
C CYS A 157 -10.90 29.62 -22.24
N HIS A 158 -10.07 28.68 -21.76
CA HIS A 158 -9.84 27.39 -22.46
C HIS A 158 -9.17 27.48 -23.86
N THR A 159 -8.62 28.64 -24.21
CA THR A 159 -7.89 28.79 -25.49
C THR A 159 -6.55 28.01 -25.44
N PRO A 160 -6.32 27.09 -26.41
CA PRO A 160 -5.04 26.39 -26.48
C PRO A 160 -3.84 27.32 -26.49
N PHE A 161 -2.75 26.78 -25.94
CA PHE A 161 -1.49 27.45 -25.81
C PHE A 161 -0.43 26.44 -26.24
N SER A 162 0.59 26.91 -26.93
CA SER A 162 1.73 26.07 -27.32
C SER A 162 2.36 25.30 -26.16
N ILE A 163 2.36 23.97 -26.25
CA ILE A 163 2.96 23.16 -25.22
C ILE A 163 4.46 23.37 -25.15
N GLU A 164 5.07 23.61 -26.30
CA GLU A 164 6.51 23.88 -26.36
C GLU A 164 6.82 25.20 -25.65
N GLN A 165 6.01 26.24 -25.89
CA GLN A 165 6.14 27.48 -25.17
C GLN A 165 5.92 27.27 -23.67
N ASN A 166 4.89 26.50 -23.32
CA ASN A 166 4.59 26.25 -21.92
C ASN A 166 5.73 25.52 -21.22
N TYR A 167 6.33 24.57 -21.90
CA TYR A 167 7.48 23.81 -21.43
C TYR A 167 8.68 24.75 -21.19
N LEU A 168 8.97 25.60 -22.16
CA LEU A 168 10.14 26.48 -22.06
C LEU A 168 9.95 27.50 -20.94
N GLU A 169 8.74 28.04 -20.85
CA GLU A 169 8.41 28.97 -19.76
C GLU A 169 8.47 28.31 -18.39
N ALA A 170 7.81 27.17 -18.26
CA ALA A 170 7.79 26.47 -16.99
C ALA A 170 9.16 26.12 -16.52
N MET A 171 9.97 25.54 -17.42
CA MET A 171 11.28 25.04 -17.01
C MET A 171 12.28 26.15 -16.74
N SER A 172 11.98 27.36 -17.17
CA SER A 172 12.88 28.45 -16.88
C SER A 172 12.33 29.34 -15.77
N GLY A 173 11.32 28.90 -15.03
CA GLY A 173 10.75 29.72 -13.95
C GLY A 173 9.64 30.70 -14.27
N THR A 174 9.03 30.63 -15.44
CA THR A 174 7.94 31.53 -15.83
C THR A 174 6.56 30.84 -15.89
N VAL A 175 5.58 31.37 -15.14
CA VAL A 175 4.16 30.99 -15.27
C VAL A 175 3.55 31.48 -16.57
N SER A 176 3.12 30.58 -17.46
CA SER A 176 2.53 30.96 -18.73
C SER A 176 1.18 31.65 -18.62
N ARG A 177 0.93 32.54 -19.57
CA ARG A 177 -0.26 33.39 -19.55
C ARG A 177 -0.91 33.44 -20.91
N CYS A 178 -2.24 33.37 -20.92
CA CYS A 178 -3.06 33.41 -22.10
C CYS A 178 -2.86 34.72 -22.87
N SER A 179 -2.79 34.66 -24.20
CA SER A 179 -2.64 35.87 -25.03
C SER A 179 -4.00 36.46 -25.46
N THR A 180 -5.09 35.95 -24.89
CA THR A 180 -6.43 36.44 -25.13
C THR A 180 -6.94 37.18 -23.89
N CYS A 181 -6.83 36.56 -22.70
CA CYS A 181 -7.44 37.09 -21.47
C CYS A 181 -6.47 37.32 -20.32
N GLY A 182 -5.17 37.05 -20.53
CA GLY A 182 -4.23 37.10 -19.44
C GLY A 182 -4.46 36.04 -18.36
N GLY A 183 -5.35 35.08 -18.59
CA GLY A 183 -5.48 33.97 -17.68
C GLY A 183 -4.21 33.11 -17.55
N ILE A 184 -4.17 32.38 -16.46
CA ILE A 184 -3.11 31.42 -16.20
C ILE A 184 -3.25 30.18 -17.09
N VAL A 185 -2.15 29.81 -17.73
CA VAL A 185 -2.10 28.61 -18.61
C VAL A 185 -1.49 27.48 -17.79
N LYS A 186 -2.00 26.28 -18.07
CA LYS A 186 -1.39 25.06 -17.60
C LYS A 186 -1.49 23.99 -18.66
N PRO A 187 -0.63 22.95 -18.54
CA PRO A 187 -0.86 21.74 -19.33
C PRO A 187 -2.23 21.20 -19.08
N ASN A 188 -2.75 20.46 -20.03
CA ASN A 188 -4.14 19.96 -19.98
C ASN A 188 -4.21 18.76 -19.08
N VAL A 189 -3.74 18.93 -17.86
CA VAL A 189 -4.02 18.00 -16.75
C VAL A 189 -5.35 18.43 -16.14
N VAL A 190 -6.25 17.48 -15.88
CA VAL A 190 -7.47 17.78 -15.16
C VAL A 190 -7.12 18.02 -13.67
N PHE A 191 -7.44 19.20 -13.16
CA PHE A 191 -7.17 19.51 -11.75
C PHE A 191 -8.42 19.22 -10.94
N PHE A 192 -8.23 19.04 -9.64
CA PHE A 192 -9.39 18.96 -8.70
C PHE A 192 -10.28 20.20 -8.91
N GLY A 193 -11.55 19.99 -9.21
CA GLY A 193 -12.46 21.07 -9.49
C GLY A 193 -12.67 21.35 -10.96
N GLU A 194 -12.02 20.60 -11.84
CA GLU A 194 -12.23 20.75 -13.27
C GLU A 194 -13.07 19.62 -13.82
N ASN A 195 -13.61 19.83 -15.02
CA ASN A 195 -14.36 18.79 -15.71
C ASN A 195 -13.44 17.71 -16.26
N LEU A 196 -13.84 16.46 -16.23
CA LEU A 196 -13.06 15.41 -16.93
C LEU A 196 -13.43 15.45 -18.41
N PRO A 197 -12.57 14.90 -19.28
CA PRO A 197 -13.02 14.90 -20.71
C PRO A 197 -14.20 13.99 -21.00
N ASP A 198 -14.92 14.31 -22.07
CA ASP A 198 -16.07 13.56 -22.55
C ASP A 198 -15.83 12.08 -22.70
N ALA A 199 -14.65 11.75 -23.20
CA ALA A 199 -14.29 10.40 -23.42
C ALA A 199 -14.29 9.59 -22.11
N PHE A 200 -14.03 10.22 -20.97
CA PHE A 200 -14.21 9.51 -19.68
C PHE A 200 -15.64 9.09 -19.48
N PHE A 201 -16.57 10.00 -19.73
CA PHE A 201 -18.01 9.68 -19.54
C PHE A 201 -18.55 8.64 -20.54
N ASP A 202 -17.99 8.66 -21.74
CA ASP A 202 -18.24 7.60 -22.77
C ASP A 202 -17.85 6.23 -22.21
N ALA A 203 -16.65 6.19 -21.64
CA ALA A 203 -16.19 4.98 -21.04
C ALA A 203 -17.04 4.53 -19.85
N LEU A 204 -17.41 5.45 -18.97
CA LEU A 204 -18.23 5.09 -17.80
C LEU A 204 -19.65 4.61 -18.10
N HIS A 205 -20.30 5.29 -19.04
CA HIS A 205 -21.68 5.01 -19.38
C HIS A 205 -21.78 3.91 -20.39
N HIS A 206 -20.80 3.79 -21.30
CA HIS A 206 -20.89 2.85 -22.44
C HIS A 206 -19.96 1.70 -22.39
N ASP A 207 -18.71 1.87 -21.95
CA ASP A 207 -17.82 0.71 -21.92
C ASP A 207 -18.03 -0.11 -20.68
N ALA A 208 -17.93 0.53 -19.51
CA ALA A 208 -17.88 -0.30 -18.27
C ALA A 208 -19.12 -1.18 -18.09
N PRO A 209 -20.29 -0.70 -18.52
CA PRO A 209 -21.45 -1.60 -18.39
C PRO A 209 -21.41 -2.88 -19.24
N ILE A 210 -20.57 -2.92 -20.27
CA ILE A 210 -20.46 -4.09 -21.14
C ILE A 210 -19.12 -4.79 -20.98
N ALA A 211 -18.30 -4.43 -19.98
CA ALA A 211 -17.04 -5.18 -19.76
C ALA A 211 -17.29 -6.64 -19.44
N GLU A 212 -16.40 -7.51 -19.88
CA GLU A 212 -16.40 -8.95 -19.51
C GLU A 212 -15.36 -9.24 -18.42
N LEU A 213 -14.49 -8.27 -18.14
CA LEU A 213 -13.36 -8.41 -17.25
C LEU A 213 -12.77 -7.01 -17.04
N VAL A 214 -12.39 -6.74 -15.80
CA VAL A 214 -11.77 -5.50 -15.46
C VAL A 214 -10.48 -5.83 -14.70
N ILE A 215 -9.39 -5.19 -15.12
CA ILE A 215 -8.08 -5.38 -14.53
C ILE A 215 -7.68 -3.98 -14.16
N ILE A 216 -7.36 -3.81 -12.87
CA ILE A 216 -7.25 -2.51 -12.25
C ILE A 216 -5.86 -2.47 -11.68
N ILE A 217 -4.97 -1.69 -12.31
CA ILE A 217 -3.55 -1.79 -11.97
C ILE A 217 -3.03 -0.52 -11.35
N GLY A 218 -2.74 -0.64 -10.04
CA GLY A 218 -2.01 0.43 -9.36
C GLY A 218 -2.82 1.67 -9.10
N THR A 219 -4.13 1.54 -9.04
CA THR A 219 -4.98 2.71 -8.84
C THR A 219 -5.44 2.90 -7.39
N SER A 220 -5.91 4.10 -7.07
CA SER A 220 -6.31 4.35 -5.67
C SER A 220 -7.78 4.04 -5.28
N MET A 221 -8.73 4.27 -6.17
CA MET A 221 -10.13 4.36 -5.73
C MET A 221 -10.48 5.56 -4.90
N GLN A 222 -9.61 6.54 -4.73
CA GLN A 222 -10.00 7.68 -3.90
C GLN A 222 -10.14 8.96 -4.69
N VAL A 223 -10.00 8.91 -6.02
CA VAL A 223 -10.26 10.07 -6.89
C VAL A 223 -11.47 9.84 -7.79
N HIS A 224 -12.42 10.77 -7.77
CA HIS A 224 -13.72 10.61 -8.34
C HIS A 224 -13.91 11.62 -9.41
N PRO A 225 -14.71 11.35 -10.45
CA PRO A 225 -15.50 10.14 -10.64
C PRO A 225 -14.79 8.86 -11.23
N PHE A 226 -13.50 8.93 -11.48
CA PHE A 226 -12.70 7.82 -11.99
C PHE A 226 -12.95 6.53 -11.23
N ALA A 227 -12.99 6.61 -9.91
CA ALA A 227 -13.18 5.41 -9.09
C ALA A 227 -14.54 4.73 -9.29
N LEU A 228 -15.45 5.35 -10.02
CA LEU A 228 -16.74 4.68 -10.29
C LEU A 228 -16.64 3.61 -11.33
N LEU A 229 -15.61 3.67 -12.15
CA LEU A 229 -15.53 2.76 -13.28
C LEU A 229 -15.77 1.29 -12.93
N PRO A 230 -15.04 0.75 -11.97
CA PRO A 230 -15.25 -0.67 -11.67
C PRO A 230 -16.50 -0.98 -10.89
N CYS A 231 -17.15 0.06 -10.35
CA CYS A 231 -18.44 -0.08 -9.66
C CYS A 231 -19.62 -0.30 -10.60
N VAL A 232 -19.52 0.09 -11.86
CA VAL A 232 -20.65 0.07 -12.83
C VAL A 232 -20.54 -1.13 -13.81
N VAL A 233 -19.48 -1.94 -13.73
CA VAL A 233 -19.41 -3.14 -14.54
C VAL A 233 -20.43 -4.14 -14.00
N PRO A 234 -20.85 -5.10 -14.82
CA PRO A 234 -21.84 -6.10 -14.34
C PRO A 234 -21.37 -6.81 -13.03
N LYS A 235 -22.33 -7.06 -12.14
CA LYS A 235 -22.07 -7.69 -10.83
C LYS A 235 -21.43 -9.07 -10.90
N SER A 236 -21.51 -9.71 -12.04
CA SER A 236 -20.99 -11.06 -12.24
C SER A 236 -19.61 -11.10 -12.88
N VAL A 237 -19.09 -9.99 -13.38
CA VAL A 237 -17.80 -10.09 -14.09
C VAL A 237 -16.59 -10.01 -13.14
N PRO A 238 -15.53 -10.75 -13.44
CA PRO A 238 -14.35 -10.72 -12.63
C PRO A 238 -13.67 -9.33 -12.62
N ARG A 239 -13.14 -8.97 -11.44
CA ARG A 239 -12.45 -7.72 -11.27
C ARG A 239 -11.11 -8.05 -10.63
N VAL A 240 -10.02 -7.77 -11.34
CA VAL A 240 -8.70 -8.19 -10.93
C VAL A 240 -8.01 -6.94 -10.46
N VAL A 241 -7.55 -6.91 -9.22
CA VAL A 241 -6.88 -5.70 -8.71
C VAL A 241 -5.44 -6.08 -8.50
N MET A 242 -4.53 -5.40 -9.18
CA MET A 242 -3.08 -5.49 -8.91
C MET A 242 -2.59 -4.25 -8.18
N ASN A 243 -2.28 -4.39 -6.89
CA ASN A 243 -1.98 -3.21 -6.06
C ASN A 243 -1.11 -3.67 -4.89
N ARG A 244 -0.27 -2.77 -4.41
CA ARG A 244 0.54 -2.94 -3.18
C ARG A 244 -0.26 -2.71 -1.91
N GLU A 245 -1.51 -2.26 -2.03
CA GLU A 245 -2.38 -1.97 -0.88
C GLU A 245 -3.73 -2.61 -1.09
N ARG A 246 -4.39 -2.95 0.02
CA ARG A 246 -5.75 -3.49 0.02
C ARG A 246 -6.65 -2.27 -0.19
N VAL A 247 -7.02 -2.03 -1.45
CA VAL A 247 -7.80 -0.80 -1.83
C VAL A 247 -9.27 -1.14 -2.02
N GLY A 248 -10.10 -0.09 -2.01
CA GLY A 248 -11.54 -0.15 -2.29
C GLY A 248 -12.54 -0.33 -1.13
N GLY A 249 -12.05 -0.51 0.10
CA GLY A 249 -12.91 -0.86 1.24
C GLY A 249 -13.87 -2.03 0.96
N LEU A 250 -15.12 -1.85 1.38
CA LEU A 250 -16.17 -2.80 1.21
C LEU A 250 -16.76 -2.83 -0.20
N LEU A 251 -16.35 -1.97 -1.13
CA LEU A 251 -16.77 -2.17 -2.55
C LEU A 251 -16.20 -3.39 -3.25
N PHE A 252 -15.14 -3.97 -2.69
CA PHE A 252 -14.50 -5.17 -3.22
C PHE A 252 -14.60 -6.26 -2.14
N ARG A 253 -14.74 -7.51 -2.55
CA ARG A 253 -14.82 -8.67 -1.64
C ARG A 253 -13.74 -9.58 -2.12
N PHE A 254 -12.54 -9.44 -1.57
CA PHE A 254 -11.46 -10.27 -2.09
C PHE A 254 -11.45 -11.71 -1.51
N ASP A 275 -24.86 -12.43 -4.75
CA ASP A 275 -23.81 -11.94 -5.64
C ASP A 275 -22.50 -12.79 -5.62
N VAL A 276 -22.17 -13.37 -6.79
CA VAL A 276 -20.95 -14.21 -6.94
C VAL A 276 -19.61 -13.57 -6.45
N CYS A 277 -18.64 -14.45 -6.17
CA CYS A 277 -17.33 -14.09 -5.71
C CYS A 277 -16.49 -13.87 -7.00
N ARG A 278 -16.23 -12.59 -7.31
CA ARG A 278 -15.64 -12.21 -8.59
C ARG A 278 -14.39 -11.31 -8.52
N ASP A 279 -13.98 -10.87 -7.32
CA ASP A 279 -12.83 -10.00 -7.08
C ASP A 279 -11.65 -10.80 -6.64
N VAL A 280 -10.48 -10.40 -7.13
CA VAL A 280 -9.21 -10.93 -6.68
C VAL A 280 -8.20 -9.80 -6.57
N LEU A 281 -7.38 -9.86 -5.52
CA LEU A 281 -6.27 -8.94 -5.29
C LEU A 281 -4.94 -9.61 -5.41
N PHE A 282 -4.10 -9.14 -6.34
CA PHE A 282 -2.77 -9.68 -6.55
C PHE A 282 -1.85 -8.61 -6.03
N ARG A 283 -1.18 -8.94 -4.90
CA ARG A 283 -0.22 -8.03 -4.24
C ARG A 283 1.12 -8.13 -4.92
N GLY A 284 2.13 -7.41 -4.46
CA GLY A 284 3.44 -7.47 -5.11
C GLY A 284 3.56 -6.46 -6.25
N ASP A 285 4.61 -6.61 -7.02
CA ASP A 285 4.94 -5.71 -8.09
C ASP A 285 4.06 -6.05 -9.30
N CYS A 286 3.26 -5.06 -9.68
CA CYS A 286 2.34 -5.21 -10.81
C CYS A 286 3.13 -5.50 -12.11
N GLN A 287 4.39 -5.05 -12.20
CA GLN A 287 5.18 -5.30 -13.37
C GLN A 287 5.45 -6.82 -13.46
N GLU A 288 5.82 -7.46 -12.36
CA GLU A 288 6.03 -8.89 -12.31
C GLU A 288 4.75 -9.67 -12.56
N ASN A 289 3.65 -9.24 -11.97
CA ASN A 289 2.39 -9.94 -12.16
C ASN A 289 1.92 -9.90 -13.60
N VAL A 290 2.15 -8.80 -14.29
CA VAL A 290 1.73 -8.70 -15.69
C VAL A 290 2.60 -9.63 -16.53
N VAL A 291 3.86 -9.72 -16.20
CA VAL A 291 4.79 -10.58 -16.96
C VAL A 291 4.31 -12.04 -16.81
N THR A 292 4.01 -12.43 -15.57
CA THR A 292 3.47 -13.78 -15.34
C THR A 292 2.18 -14.02 -16.09
N LEU A 293 1.25 -13.08 -16.01
CA LEU A 293 0.00 -13.17 -16.77
C LEU A 293 0.22 -13.36 -18.25
N ALA A 294 1.16 -12.61 -18.77
CA ALA A 294 1.53 -12.70 -20.17
C ALA A 294 2.03 -14.10 -20.54
N GLU A 295 2.88 -14.68 -19.70
CA GLU A 295 3.34 -16.05 -19.91
C GLU A 295 2.17 -16.98 -20.10
N TYR A 296 1.22 -16.92 -19.16
CA TYR A 296 0.10 -17.86 -19.22
C TYR A 296 -0.82 -17.59 -20.40
N LEU A 297 -0.85 -16.36 -20.90
CA LEU A 297 -1.64 -15.99 -22.04
C LEU A 297 -0.96 -16.35 -23.39
N GLY A 298 0.27 -16.85 -23.37
CA GLY A 298 0.98 -17.13 -24.59
C GLY A 298 1.56 -15.87 -25.22
N LEU A 299 1.73 -14.80 -24.42
CA LEU A 299 2.18 -13.52 -24.95
C LEU A 299 3.58 -13.11 -24.45
N SER A 300 4.31 -14.06 -23.91
CA SER A 300 5.58 -13.74 -23.26
C SER A 300 6.66 -13.35 -24.26
N GLU A 301 6.63 -13.91 -25.48
CA GLU A 301 7.60 -13.46 -26.48
C GLU A 301 7.29 -12.10 -27.00
N ALA A 302 6.03 -11.81 -27.27
CA ALA A 302 5.67 -10.48 -27.75
C ALA A 302 5.98 -9.39 -26.73
N LEU A 303 5.83 -9.71 -25.45
CA LEU A 303 6.10 -8.75 -24.38
C LEU A 303 7.57 -8.49 -24.18
N ALA A 304 8.40 -9.53 -24.22
CA ALA A 304 9.86 -9.38 -24.02
C ALA A 304 10.41 -8.57 -25.21
N LYS A 305 9.84 -8.81 -26.37
CA LYS A 305 10.22 -8.07 -27.54
C LYS A 305 9.85 -6.58 -27.44
N ARG A 306 8.69 -6.23 -26.87
CA ARG A 306 8.37 -4.80 -26.72
C ARG A 306 9.27 -4.16 -25.67
N MET A 307 9.51 -4.89 -24.60
CA MET A 307 10.33 -4.40 -23.54
C MET A 307 11.82 -4.13 -23.91
N ARG A 308 12.45 -5.02 -24.65
CA ARG A 308 13.81 -4.77 -25.19
C ARG A 308 13.82 -3.58 -26.14
N LEU A 309 12.86 -3.57 -27.07
CA LEU A 309 12.71 -2.54 -28.11
C LEU A 309 12.61 -1.09 -27.59
N SER A 310 12.40 -0.93 -26.28
CA SER A 310 12.36 0.41 -25.71
C SER A 310 12.72 0.47 -24.23
N ASP A 311 13.75 -0.27 -23.79
CA ASP A 311 14.42 0.01 -22.50
C ASP A 311 15.92 0.08 -22.62
N ALA B 9 28.71 18.62 19.57
CA ALA B 9 29.36 18.43 18.23
C ALA B 9 28.31 18.52 17.10
N PRO B 10 28.67 19.20 15.98
CA PRO B 10 27.77 19.41 14.86
C PRO B 10 27.16 18.13 14.29
N HIS B 11 28.00 17.11 14.04
CA HIS B 11 27.56 15.80 13.47
C HIS B 11 26.45 15.08 14.32
N GLN B 12 26.35 15.48 15.58
CA GLN B 12 25.41 14.94 16.55
C GLN B 12 24.13 15.77 16.67
N GLU B 13 23.93 16.80 15.83
CA GLU B 13 22.61 17.49 15.79
C GLU B 13 21.56 16.56 15.25
N HIS B 14 20.42 16.52 15.95
CA HIS B 14 19.38 15.54 15.68
C HIS B 14 18.31 16.02 14.71
N VAL B 15 17.85 15.18 13.80
CA VAL B 15 16.69 15.57 12.96
C VAL B 15 15.41 16.01 13.75
N LEU B 16 15.26 15.53 14.99
CA LEU B 16 14.09 15.87 15.83
C LEU B 16 14.24 17.23 16.53
N GLY B 17 15.44 17.80 16.54
CA GLY B 17 15.71 19.00 17.27
C GLY B 17 16.15 18.50 18.61
N GLU B 18 15.21 18.35 19.54
CA GLU B 18 15.48 17.65 20.81
C GLU B 18 15.07 16.17 20.73
N PRO B 19 16.02 15.26 20.92
CA PRO B 19 15.67 13.84 20.81
C PRO B 19 14.98 13.30 22.05
N THR B 20 13.78 13.76 22.32
CA THR B 20 13.09 13.43 23.57
C THR B 20 11.66 13.14 23.15
N LEU B 21 10.85 12.60 24.06
CA LEU B 21 9.40 12.35 23.74
C LEU B 21 8.69 13.62 23.42
N GLU B 22 9.00 14.67 24.19
CA GLU B 22 8.46 15.98 23.91
C GLU B 22 8.85 16.49 22.51
N GLY B 23 10.14 16.38 22.17
CA GLY B 23 10.62 16.75 20.84
C GLY B 23 9.97 15.96 19.73
N LEU B 24 9.71 14.68 19.96
CA LEU B 24 9.08 13.83 18.94
C LEU B 24 7.68 14.33 18.67
N ALA B 25 6.93 14.60 19.74
CA ALA B 25 5.58 15.09 19.64
C ALA B 25 5.52 16.42 18.90
N HIS B 26 6.43 17.30 19.28
CA HIS B 26 6.60 18.55 18.56
C HIS B 26 6.91 18.38 17.10
N TYR B 27 7.86 17.53 16.76
CA TYR B 27 8.11 17.18 15.35
C TYR B 27 6.88 16.67 14.62
N ILE B 28 6.17 15.69 15.19
CA ILE B 28 4.96 15.14 14.52
C ILE B 28 3.93 16.24 14.17
N ARG B 29 3.69 17.11 15.15
CA ARG B 29 2.66 18.16 14.97
C ARG B 29 3.20 19.26 14.13
N GLU B 30 4.44 19.69 14.35
CA GLU B 30 5.00 20.81 13.59
C GLU B 30 5.22 20.47 12.10
N LYS B 31 5.65 19.24 11.78
CA LYS B 31 5.82 18.84 10.37
C LYS B 31 4.57 18.23 9.78
N ASN B 32 3.49 18.14 10.56
CA ASN B 32 2.28 17.49 10.16
C ASN B 32 2.62 16.09 9.55
N VAL B 33 3.26 15.26 10.37
CA VAL B 33 3.59 13.88 9.97
C VAL B 33 2.32 13.12 9.82
N ARG B 34 2.14 12.62 8.63
CA ARG B 34 0.93 11.90 8.26
C ARG B 34 1.18 10.40 8.01
N ARG B 35 2.41 10.01 7.79
CA ARG B 35 2.74 8.62 7.46
C ARG B 35 3.70 8.04 8.46
N ILE B 36 3.16 7.57 9.56
CA ILE B 36 3.93 6.93 10.63
C ILE B 36 3.81 5.41 10.41
N LEU B 37 4.96 4.78 10.32
CA LEU B 37 5.07 3.32 10.21
C LEU B 37 5.36 2.86 11.63
N VAL B 38 4.50 1.99 12.15
CA VAL B 38 4.65 1.50 13.48
C VAL B 38 4.96 0.00 13.39
N LEU B 39 6.04 -0.37 14.03
CA LEU B 39 6.42 -1.76 14.16
C LEU B 39 6.30 -2.23 15.60
N VAL B 40 5.73 -3.41 15.76
CA VAL B 40 5.45 -3.92 17.03
C VAL B 40 6.04 -5.29 17.28
N GLY B 41 6.55 -5.45 18.50
CA GLY B 41 7.14 -6.75 18.89
C GLY B 41 6.71 -7.19 20.27
N ALA B 42 7.39 -8.23 20.76
CA ALA B 42 6.99 -8.98 21.98
C ALA B 42 6.95 -8.09 23.19
N GLY B 43 7.89 -7.16 23.25
CA GLY B 43 7.96 -6.24 24.40
C GLY B 43 6.66 -5.47 24.62
N ALA B 44 5.89 -5.27 23.55
CA ALA B 44 4.68 -4.50 23.62
C ALA B 44 3.51 -5.24 24.29
N SER B 45 3.59 -6.56 24.35
CA SER B 45 2.48 -7.29 24.87
C SER B 45 2.75 -7.93 26.25
N VAL B 46 3.92 -7.67 26.81
CA VAL B 46 4.32 -8.17 28.15
C VAL B 46 3.37 -7.68 29.20
N ALA B 47 3.05 -6.39 29.14
CA ALA B 47 2.10 -5.82 30.05
C ALA B 47 0.71 -6.46 29.95
N ALA B 48 0.36 -7.12 28.85
CA ALA B 48 -0.96 -7.75 28.78
C ALA B 48 -0.96 -9.11 29.49
N GLY B 49 0.23 -9.61 29.86
CA GLY B 49 0.43 -10.90 30.53
C GLY B 49 1.12 -11.93 29.65
N ILE B 50 1.66 -11.53 28.51
CA ILE B 50 2.21 -12.48 27.50
C ILE B 50 3.73 -12.45 27.67
N PRO B 51 4.35 -13.60 27.97
CA PRO B 51 5.82 -13.54 28.14
C PRO B 51 6.55 -13.27 26.84
N ASP B 52 7.70 -12.64 26.98
CA ASP B 52 8.55 -12.20 25.90
C ASP B 52 9.21 -13.42 25.28
N PHE B 53 9.26 -13.43 23.95
CA PHE B 53 10.02 -14.43 23.19
C PHE B 53 11.32 -13.76 22.77
N THR B 73 12.20 -20.95 20.42
CA THR B 73 12.45 -20.72 18.98
C THR B 73 12.17 -21.98 18.16
N ASP B 74 12.68 -23.10 18.69
CA ASP B 74 12.46 -24.41 18.12
C ASP B 74 10.95 -24.75 18.23
N ALA B 75 10.25 -24.19 19.22
CA ALA B 75 8.81 -24.42 19.33
C ALA B 75 8.03 -23.97 18.08
N PHE B 76 8.56 -22.94 17.40
CA PHE B 76 7.96 -22.38 16.19
C PHE B 76 8.68 -22.78 14.92
N SER B 77 9.30 -23.96 14.93
CA SER B 77 9.98 -24.44 13.76
C SER B 77 9.08 -25.41 13.01
N LEU B 78 8.98 -25.18 11.72
CA LEU B 78 8.14 -26.03 10.90
C LEU B 78 8.63 -27.48 10.90
N THR B 79 9.96 -27.64 11.01
CA THR B 79 10.60 -28.95 11.03
C THR B 79 10.15 -29.77 12.22
N LEU B 80 10.28 -29.16 13.40
CA LEU B 80 9.87 -29.82 14.66
C LEU B 80 8.36 -30.06 14.75
N LEU B 81 7.57 -29.22 14.07
CA LEU B 81 6.11 -29.41 13.98
C LEU B 81 5.78 -30.69 13.21
N ARG B 82 6.45 -30.88 12.07
CA ARG B 82 6.25 -32.08 11.25
C ARG B 82 6.70 -33.39 11.96
N GLU B 83 7.79 -33.31 12.68
CA GLU B 83 8.42 -34.44 13.39
C GLU B 83 7.68 -34.81 14.66
N LYS B 84 7.48 -33.80 15.52
CA LYS B 84 6.88 -33.97 16.86
C LYS B 84 5.88 -32.82 17.07
N PRO B 85 4.72 -32.88 16.41
CA PRO B 85 3.71 -31.81 16.55
C PRO B 85 3.21 -31.65 17.99
N GLU B 86 3.36 -32.69 18.81
CA GLU B 86 2.99 -32.60 20.23
C GLU B 86 3.75 -31.53 21.00
N ILE B 87 4.97 -31.18 20.56
CA ILE B 87 5.73 -30.14 21.26
C ILE B 87 5.11 -28.73 21.09
N PHE B 88 4.90 -28.29 19.86
CA PHE B 88 4.20 -27.03 19.62
C PHE B 88 2.81 -27.03 20.30
N TYR B 89 2.04 -28.11 20.19
CA TYR B 89 0.69 -28.20 20.79
C TYR B 89 0.74 -28.03 22.33
N SER B 90 1.68 -28.70 22.97
CA SER B 90 1.99 -28.52 24.39
C SER B 90 2.17 -27.06 24.78
N ILE B 91 3.05 -26.36 24.08
CA ILE B 91 3.28 -24.94 24.27
C ILE B 91 2.07 -24.04 23.95
N ALA B 92 1.36 -24.31 22.85
CA ALA B 92 0.21 -23.50 22.48
C ALA B 92 -0.85 -23.53 23.58
N ARG B 93 -1.08 -24.73 24.10
CA ARG B 93 -1.98 -24.93 25.23
C ARG B 93 -1.65 -24.07 26.46
N GLU B 94 -0.38 -23.79 26.71
CA GLU B 94 0.01 -22.97 27.85
C GLU B 94 0.03 -21.47 27.56
N LEU B 95 0.05 -21.04 26.29
CA LEU B 95 0.22 -19.60 25.98
C LEU B 95 -1.10 -18.85 25.92
N ASN B 96 -2.22 -19.52 25.71
CA ASN B 96 -3.56 -18.87 25.73
C ASN B 96 -3.66 -17.78 24.70
N LEU B 97 -3.13 -18.00 23.50
CA LEU B 97 -3.09 -16.95 22.48
C LEU B 97 -4.36 -16.90 21.64
N TRP B 98 -5.31 -17.83 21.85
CA TRP B 98 -6.62 -17.74 21.18
C TRP B 98 -7.30 -16.38 21.47
N PRO B 99 -7.89 -15.73 20.45
CA PRO B 99 -8.47 -14.41 20.69
C PRO B 99 -9.54 -14.44 21.75
N GLY B 100 -9.59 -13.41 22.56
CA GLY B 100 -10.61 -13.24 23.59
C GLY B 100 -10.05 -13.39 24.97
N HIS B 101 -8.82 -13.90 25.12
CA HIS B 101 -8.18 -13.98 26.43
C HIS B 101 -7.37 -12.74 26.83
N PHE B 102 -6.33 -12.42 26.07
CA PHE B 102 -5.52 -11.24 26.40
C PHE B 102 -6.22 -10.02 25.86
N GLN B 103 -5.96 -8.91 26.54
CA GLN B 103 -6.51 -7.62 26.20
C GLN B 103 -5.43 -6.59 25.72
N PRO B 104 -5.84 -5.67 24.82
CA PRO B 104 -4.89 -4.69 24.29
C PRO B 104 -4.31 -3.75 25.38
N THR B 105 -3.04 -3.44 25.21
CA THR B 105 -2.26 -2.58 26.11
C THR B 105 -2.37 -1.11 25.64
N ALA B 106 -1.83 -0.19 26.43
CA ALA B 106 -1.72 1.23 26.05
C ALA B 106 -1.07 1.37 24.71
N VAL B 107 -0.03 0.55 24.44
CA VAL B 107 0.63 0.59 23.12
C VAL B 107 -0.35 0.35 21.96
N HIS B 108 -1.17 -0.69 22.08
CA HIS B 108 -2.15 -1.09 21.06
C HIS B 108 -3.21 -0.03 20.90
N HIS B 109 -3.66 0.51 22.03
CA HIS B 109 -4.64 1.59 22.00
C HIS B 109 -4.03 2.83 21.36
N PHE B 110 -2.76 3.08 21.64
CA PHE B 110 -2.10 4.24 21.07
C PHE B 110 -2.08 4.19 19.56
N ILE B 111 -1.78 3.03 19.03
CA ILE B 111 -1.71 2.88 17.60
C ILE B 111 -3.05 3.12 16.96
N ARG B 112 -4.09 2.65 17.61
CA ARG B 112 -5.45 2.94 17.16
C ARG B 112 -5.76 4.45 17.11
N LEU B 113 -5.30 5.16 18.12
CA LEU B 113 -5.42 6.63 18.12
C LEU B 113 -4.70 7.24 16.95
N LEU B 114 -3.53 6.72 16.58
CA LEU B 114 -2.84 7.33 15.43
C LEU B 114 -3.66 7.07 14.16
N GLN B 115 -4.28 5.90 14.06
CA GLN B 115 -5.19 5.68 12.96
C GLN B 115 -6.35 6.66 12.97
N ASP B 116 -6.96 6.84 14.11
CA ASP B 116 -8.09 7.78 14.12
C ASP B 116 -7.66 9.23 13.88
N GLU B 117 -6.40 9.56 14.13
CA GLU B 117 -5.87 10.88 13.83
C GLU B 117 -5.47 11.06 12.36
N GLY B 118 -5.55 10.01 11.53
CA GLY B 118 -5.06 10.03 10.16
C GLY B 118 -3.53 10.05 9.99
N ARG B 119 -2.79 9.50 10.97
CA ARG B 119 -1.30 9.54 10.96
C ARG B 119 -0.63 8.19 10.80
N LEU B 120 -1.41 7.11 10.67
CA LEU B 120 -0.82 5.76 10.54
C LEU B 120 -0.74 5.33 9.10
N LEU B 121 0.47 5.18 8.62
CA LEU B 121 0.71 4.63 7.31
C LEU B 121 0.42 3.10 7.33
N ARG B 122 1.00 2.41 8.31
CA ARG B 122 0.83 0.99 8.46
C ARG B 122 1.33 0.62 9.82
N CYS B 123 0.68 -0.39 10.41
CA CYS B 123 1.14 -1.09 11.58
C CYS B 123 1.60 -2.48 11.23
N CYS B 124 2.91 -2.75 11.30
CA CYS B 124 3.41 -4.10 11.03
C CYS B 124 3.83 -4.79 12.30
N THR B 125 3.26 -5.96 12.62
CA THR B 125 3.50 -6.56 13.94
C THR B 125 4.08 -7.94 13.71
N GLN B 126 5.07 -8.24 14.52
CA GLN B 126 5.64 -9.58 14.53
C GLN B 126 5.03 -10.40 15.64
N ASN B 127 4.11 -9.83 16.41
CA ASN B 127 3.38 -10.60 17.43
C ASN B 127 2.26 -11.38 16.81
N ILE B 128 1.89 -12.43 17.52
CA ILE B 128 0.87 -13.39 17.06
C ILE B 128 -0.33 -13.44 18.00
N ASP B 129 -0.47 -12.39 18.81
CA ASP B 129 -1.50 -12.30 19.81
C ASP B 129 -2.78 -11.68 19.33
N GLY B 130 -2.78 -11.05 18.16
CA GLY B 130 -3.96 -10.40 17.66
C GLY B 130 -4.34 -9.12 18.39
N LEU B 131 -3.46 -8.54 19.19
CA LEU B 131 -3.92 -7.40 20.01
C LEU B 131 -4.15 -6.07 19.28
N GLU B 132 -3.45 -5.85 18.17
CA GLU B 132 -3.62 -4.70 17.34
C GLU B 132 -5.03 -4.74 16.78
N LYS B 133 -5.41 -5.88 16.24
CA LYS B 133 -6.75 -6.11 15.74
C LYS B 133 -7.77 -5.92 16.86
N ALA B 134 -7.50 -6.45 18.03
CA ALA B 134 -8.41 -6.22 19.18
C ALA B 134 -8.52 -4.76 19.58
N ALA B 135 -7.49 -3.92 19.45
CA ALA B 135 -7.62 -2.46 19.69
C ALA B 135 -8.35 -1.74 18.56
N GLY B 136 -8.72 -2.44 17.49
CA GLY B 136 -9.46 -1.82 16.39
C GLY B 136 -8.55 -1.25 15.32
N VAL B 137 -7.29 -1.67 15.24
CA VAL B 137 -6.49 -1.21 14.08
C VAL B 137 -7.14 -1.86 12.87
N SER B 138 -7.38 -1.09 11.82
CA SER B 138 -8.19 -1.59 10.70
C SER B 138 -7.44 -2.58 9.76
N PRO B 139 -8.20 -3.47 9.08
CA PRO B 139 -7.48 -4.47 8.25
C PRO B 139 -6.61 -3.91 7.13
N GLU B 140 -7.00 -2.78 6.57
CA GLU B 140 -6.18 -2.12 5.57
C GLU B 140 -4.87 -1.61 6.17
N LEU B 141 -4.85 -1.21 7.46
CA LEU B 141 -3.66 -0.63 8.06
C LEU B 141 -2.74 -1.61 8.81
N LEU B 142 -3.23 -2.82 9.04
CA LEU B 142 -2.52 -3.78 9.86
C LEU B 142 -1.93 -4.86 9.03
N VAL B 143 -0.66 -5.15 9.26
CA VAL B 143 -0.01 -6.33 8.70
C VAL B 143 0.43 -7.22 9.86
N GLU B 144 -0.17 -8.40 9.93
CA GLU B 144 0.22 -9.38 10.92
C GLU B 144 1.29 -10.22 10.28
N ALA B 145 2.52 -9.77 10.41
CA ALA B 145 3.58 -10.31 9.53
C ALA B 145 3.90 -11.79 9.82
N HIS B 146 3.58 -12.21 11.04
CA HIS B 146 3.71 -13.59 11.44
C HIS B 146 2.42 -14.29 11.79
N GLY B 147 1.36 -13.79 11.20
CA GLY B 147 0.04 -14.33 11.37
C GLY B 147 -0.50 -14.26 12.77
N SER B 148 -1.40 -15.15 13.07
CA SER B 148 -2.06 -15.18 14.40
C SER B 148 -2.88 -16.46 14.66
N PHE B 149 -3.44 -16.52 15.86
CA PHE B 149 -4.28 -17.63 16.30
C PHE B 149 -5.73 -17.47 15.94
N ALA B 150 -6.06 -16.62 15.00
CA ALA B 150 -7.44 -16.37 14.72
C ALA B 150 -8.02 -17.33 13.65
N ALA B 151 -7.18 -18.09 12.98
CA ALA B 151 -7.61 -19.09 11.97
C ALA B 151 -6.60 -20.21 11.94
N ALA B 152 -6.94 -21.35 11.30
CA ALA B 152 -6.04 -22.48 11.33
C ALA B 152 -6.12 -23.11 9.97
N ALA B 153 -5.08 -23.84 9.61
CA ALA B 153 -5.06 -24.51 8.28
C ALA B 153 -4.05 -25.66 8.26
N CYS B 154 -4.24 -26.60 7.33
CA CYS B 154 -3.30 -27.70 7.10
C CYS B 154 -1.96 -27.17 6.61
N ILE B 155 -0.87 -27.62 7.22
CA ILE B 155 0.47 -27.22 6.76
C ILE B 155 0.86 -27.83 5.39
N GLU B 156 0.39 -29.02 5.08
CA GLU B 156 0.76 -29.65 3.80
C GLU B 156 -0.05 -29.02 2.68
N CYS B 157 -1.38 -29.15 2.75
CA CYS B 157 -2.27 -28.68 1.65
C CYS B 157 -3.01 -27.34 1.81
N HIS B 158 -2.81 -26.66 2.93
CA HIS B 158 -3.39 -25.32 3.16
C HIS B 158 -4.91 -25.20 3.22
N THR B 159 -5.65 -26.32 3.36
CA THR B 159 -7.12 -26.27 3.49
C THR B 159 -7.45 -25.70 4.91
N PRO B 160 -8.35 -24.70 5.01
CA PRO B 160 -8.73 -24.16 6.33
C PRO B 160 -9.29 -25.21 7.26
N PHE B 161 -9.13 -24.96 8.56
CA PHE B 161 -9.68 -25.82 9.59
C PHE B 161 -10.31 -24.88 10.60
N SER B 162 -11.34 -25.37 11.28
CA SER B 162 -12.10 -24.58 12.20
C SER B 162 -11.19 -24.23 13.39
N ILE B 163 -11.08 -22.94 13.63
CA ILE B 163 -10.25 -22.47 14.77
C ILE B 163 -10.83 -22.96 16.10
N GLU B 164 -12.15 -23.03 16.19
CA GLU B 164 -12.81 -23.53 17.39
C GLU B 164 -12.52 -25.02 17.63
N GLN B 165 -12.67 -25.83 16.61
CA GLN B 165 -12.20 -27.21 16.63
C GLN B 165 -10.74 -27.32 17.01
N ASN B 166 -9.91 -26.49 16.38
CA ASN B 166 -8.46 -26.47 16.69
C ASN B 166 -8.18 -26.12 18.13
N TYR B 167 -8.88 -25.11 18.65
CA TYR B 167 -8.82 -24.78 20.10
C TYR B 167 -9.24 -25.97 21.03
N LEU B 168 -10.36 -26.57 20.74
CA LEU B 168 -10.87 -27.64 21.61
C LEU B 168 -9.94 -28.85 21.67
N GLU B 169 -9.47 -29.25 20.50
CA GLU B 169 -8.52 -30.39 20.38
C GLU B 169 -7.22 -30.08 21.01
N ALA B 170 -6.67 -28.90 20.71
CA ALA B 170 -5.38 -28.58 21.28
C ALA B 170 -5.46 -28.50 22.76
N MET B 171 -6.51 -27.87 23.29
CA MET B 171 -6.63 -27.76 24.73
C MET B 171 -6.96 -29.11 25.38
N SER B 172 -7.49 -30.08 24.67
CA SER B 172 -7.68 -31.40 25.25
C SER B 172 -6.58 -32.41 24.92
N GLY B 173 -5.45 -31.99 24.36
CA GLY B 173 -4.36 -32.93 24.05
C GLY B 173 -4.42 -33.59 22.71
N THR B 174 -5.23 -33.13 21.80
CA THR B 174 -5.21 -33.65 20.45
C THR B 174 -4.47 -32.70 19.46
N VAL B 175 -3.79 -33.30 18.46
CA VAL B 175 -3.11 -32.58 17.39
C VAL B 175 -4.07 -32.57 16.28
N SER B 176 -4.51 -31.40 15.83
CA SER B 176 -5.49 -31.35 14.81
C SER B 176 -4.94 -31.91 13.51
N ARG B 177 -5.77 -32.64 12.77
CA ARG B 177 -5.38 -33.28 11.53
C ARG B 177 -6.33 -32.88 10.44
N CYS B 178 -5.78 -32.65 9.26
CA CYS B 178 -6.52 -32.22 8.07
C CYS B 178 -7.48 -33.32 7.59
N SER B 179 -8.73 -32.95 7.34
CA SER B 179 -9.76 -33.90 6.95
C SER B 179 -9.65 -34.28 5.46
N THR B 180 -9.20 -33.35 4.62
CA THR B 180 -8.75 -33.68 3.28
C THR B 180 -7.58 -34.69 3.31
N CYS B 181 -6.38 -34.25 3.70
CA CYS B 181 -5.11 -35.00 3.47
C CYS B 181 -4.45 -35.72 4.65
N GLY B 182 -4.97 -35.60 5.88
CA GLY B 182 -4.28 -36.13 7.06
C GLY B 182 -3.05 -35.37 7.58
N GLY B 183 -2.66 -34.29 6.89
CA GLY B 183 -1.56 -33.44 7.39
C GLY B 183 -1.84 -32.81 8.76
N ILE B 184 -0.79 -32.43 9.45
CA ILE B 184 -0.90 -31.67 10.68
C ILE B 184 -1.59 -30.29 10.42
N VAL B 185 -2.50 -29.89 11.31
CA VAL B 185 -3.09 -28.55 11.26
C VAL B 185 -2.49 -27.72 12.34
N LYS B 186 -2.37 -26.41 12.09
CA LYS B 186 -2.01 -25.46 13.14
C LYS B 186 -2.67 -24.12 12.94
N PRO B 187 -2.69 -23.29 13.98
CA PRO B 187 -3.15 -21.92 13.81
C PRO B 187 -2.31 -21.25 12.72
N ASN B 188 -2.88 -20.28 11.99
CA ASN B 188 -2.20 -19.58 10.89
C ASN B 188 -1.09 -18.62 11.41
N VAL B 189 -0.19 -19.15 12.22
CA VAL B 189 1.09 -18.52 12.60
C VAL B 189 2.17 -18.86 11.59
N VAL B 190 2.96 -17.87 11.22
CA VAL B 190 4.15 -18.11 10.41
C VAL B 190 5.26 -18.68 11.29
N PHE B 191 5.61 -19.94 11.03
CA PHE B 191 6.74 -20.62 11.68
C PHE B 191 8.00 -20.32 10.93
N PHE B 192 9.15 -20.45 11.60
CA PHE B 192 10.44 -20.46 10.98
C PHE B 192 10.47 -21.53 9.93
N GLY B 193 10.85 -21.12 8.73
CA GLY B 193 10.83 -21.96 7.59
C GLY B 193 9.60 -21.74 6.75
N GLU B 194 8.63 -20.90 7.15
CA GLU B 194 7.43 -20.65 6.31
C GLU B 194 7.51 -19.28 5.69
N ASN B 195 6.71 -19.11 4.63
CA ASN B 195 6.51 -17.82 3.93
C ASN B 195 5.71 -16.80 4.74
N LEU B 196 6.16 -15.58 4.75
CA LEU B 196 5.36 -14.47 5.29
C LEU B 196 4.27 -14.05 4.29
N PRO B 197 3.25 -13.33 4.77
CA PRO B 197 2.20 -12.88 3.84
C PRO B 197 2.69 -11.81 2.92
N ASP B 198 2.11 -11.83 1.72
CA ASP B 198 2.46 -10.85 0.68
C ASP B 198 2.36 -9.44 1.16
N ALA B 199 1.36 -9.15 1.96
CA ALA B 199 1.22 -7.78 2.47
C ALA B 199 2.48 -7.31 3.26
N PHE B 200 3.26 -8.23 3.81
CA PHE B 200 4.54 -7.84 4.44
C PHE B 200 5.52 -7.30 3.44
N PHE B 201 5.63 -7.98 2.30
CA PHE B 201 6.56 -7.56 1.27
C PHE B 201 6.09 -6.27 0.59
N ASP B 202 4.80 -6.06 0.51
CA ASP B 202 4.29 -4.71 0.12
C ASP B 202 4.62 -3.60 1.13
N ALA B 203 4.54 -3.87 2.41
CA ALA B 203 5.07 -2.88 3.41
C ALA B 203 6.51 -2.52 3.16
N LEU B 204 7.28 -3.54 2.83
CA LEU B 204 8.71 -3.40 2.58
C LEU B 204 9.02 -2.59 1.34
N HIS B 205 8.28 -2.84 0.24
CA HIS B 205 8.60 -2.19 -1.05
C HIS B 205 7.86 -0.90 -1.27
N HIS B 206 6.67 -0.81 -0.72
CA HIS B 206 5.77 0.32 -0.94
C HIS B 206 5.61 1.26 0.25
N ASP B 207 5.41 0.74 1.45
CA ASP B 207 5.21 1.63 2.63
C ASP B 207 6.51 2.23 3.09
N ALA B 208 7.49 1.39 3.34
CA ALA B 208 8.75 1.90 3.94
C ALA B 208 9.32 3.09 3.20
N PRO B 209 9.25 3.13 1.85
CA PRO B 209 9.86 4.30 1.20
C PRO B 209 9.09 5.61 1.36
N ILE B 210 7.83 5.57 1.77
CA ILE B 210 7.06 6.82 1.92
C ILE B 210 6.82 7.08 3.38
N ALA B 211 7.50 6.33 4.29
CA ALA B 211 7.36 6.60 5.72
C ALA B 211 8.00 7.92 6.06
N GLU B 212 7.27 8.73 6.78
CA GLU B 212 7.88 9.96 7.36
C GLU B 212 8.46 9.82 8.77
N LEU B 213 8.12 8.69 9.42
CA LEU B 213 8.61 8.40 10.76
C LEU B 213 8.40 6.93 10.98
N VAL B 214 9.30 6.29 11.73
CA VAL B 214 9.04 4.93 12.17
C VAL B 214 9.18 4.82 13.69
N ILE B 215 8.21 4.14 14.30
CA ILE B 215 8.18 3.88 15.74
C ILE B 215 8.19 2.38 15.92
N ILE B 216 9.24 1.91 16.56
CA ILE B 216 9.58 0.50 16.60
C ILE B 216 9.49 0.10 18.06
N ILE B 217 8.46 -0.65 18.41
CA ILE B 217 8.14 -0.86 19.82
C ILE B 217 8.23 -2.32 20.26
N GLY B 218 9.12 -2.60 21.21
CA GLY B 218 9.19 -3.90 21.81
C GLY B 218 9.77 -4.96 20.90
N THR B 219 10.59 -4.59 19.93
CA THR B 219 11.22 -5.65 19.19
C THR B 219 12.73 -5.52 19.20
N SER B 220 13.38 -6.65 19.24
CA SER B 220 14.85 -6.72 19.14
C SER B 220 15.44 -6.90 17.71
N MET B 221 14.61 -7.03 16.66
CA MET B 221 15.09 -6.98 15.26
C MET B 221 16.09 -8.09 14.91
N GLN B 222 15.84 -9.25 15.47
CA GLN B 222 16.59 -10.48 15.15
C GLN B 222 15.76 -11.52 14.41
N VAL B 223 14.49 -11.23 14.10
CA VAL B 223 13.66 -12.12 13.24
C VAL B 223 13.49 -11.51 11.83
N HIS B 224 13.86 -12.29 10.83
CA HIS B 224 14.00 -11.86 9.46
C HIS B 224 12.99 -12.57 8.58
N PRO B 225 12.48 -11.91 7.54
CA PRO B 225 12.85 -10.56 7.06
C PRO B 225 12.15 -9.38 7.72
N PHE B 226 11.35 -9.61 8.75
CA PHE B 226 10.70 -8.49 9.50
C PHE B 226 11.69 -7.37 9.86
N ALA B 227 12.90 -7.74 10.35
CA ALA B 227 13.86 -6.74 10.83
C ALA B 227 14.41 -5.84 9.73
N LEU B 228 14.15 -6.20 8.49
CA LEU B 228 14.44 -5.33 7.37
C LEU B 228 13.67 -4.03 7.28
N LEU B 229 12.44 -3.98 7.78
CA LEU B 229 11.60 -2.77 7.61
C LEU B 229 12.23 -1.41 7.94
N PRO B 230 12.76 -1.24 9.13
CA PRO B 230 13.35 -0.02 9.50
C PRO B 230 14.63 0.26 8.70
N CYS B 231 15.28 -0.75 8.14
CA CYS B 231 16.45 -0.52 7.28
C CYS B 231 16.14 0.03 5.94
N VAL B 232 14.89 -0.08 5.43
CA VAL B 232 14.63 0.43 4.06
C VAL B 232 13.81 1.75 4.09
N VAL B 233 13.53 2.29 5.27
CA VAL B 233 12.89 3.64 5.29
C VAL B 233 13.89 4.63 4.71
N PRO B 234 13.45 5.83 4.35
CA PRO B 234 14.44 6.87 3.95
C PRO B 234 15.49 7.20 4.98
N LYS B 235 16.65 7.58 4.50
CA LYS B 235 17.78 7.88 5.36
C LYS B 235 17.56 9.14 6.20
N SER B 236 16.66 10.00 5.80
CA SER B 236 16.42 11.27 6.49
C SER B 236 15.43 11.17 7.66
N VAL B 237 14.63 10.09 7.72
CA VAL B 237 13.45 10.14 8.63
C VAL B 237 13.80 9.63 10.02
N PRO B 238 13.11 10.15 11.06
CA PRO B 238 13.49 9.65 12.38
C PRO B 238 13.03 8.23 12.57
N ARG B 239 13.81 7.47 13.34
CA ARG B 239 13.45 6.15 13.72
C ARG B 239 13.54 6.13 15.20
N VAL B 240 12.38 5.90 15.84
CA VAL B 240 12.19 5.95 17.26
C VAL B 240 12.11 4.52 17.76
N VAL B 241 13.02 4.11 18.64
CA VAL B 241 13.02 2.76 19.20
C VAL B 241 12.57 2.84 20.66
N MET B 242 11.47 2.15 20.98
CA MET B 242 11.02 1.99 22.35
C MET B 242 11.21 0.53 22.75
N ASN B 243 12.24 0.31 23.56
CA ASN B 243 12.61 -1.01 23.97
C ASN B 243 13.25 -0.87 25.36
N ARG B 244 13.09 -1.91 26.18
CA ARG B 244 13.76 -1.94 27.49
C ARG B 244 15.32 -1.84 27.38
N GLU B 245 15.89 -2.40 26.32
CA GLU B 245 17.32 -2.31 26.10
C GLU B 245 17.71 -1.82 24.68
N ARG B 246 18.98 -1.50 24.53
CA ARG B 246 19.52 -1.19 23.21
C ARG B 246 19.45 -2.44 22.27
N VAL B 247 19.02 -2.18 21.04
CA VAL B 247 18.78 -3.24 20.06
C VAL B 247 19.12 -2.65 18.71
N GLY B 248 19.38 -3.53 17.75
CA GLY B 248 19.62 -3.11 16.39
C GLY B 248 21.08 -3.11 15.99
N GLY B 249 21.99 -3.26 16.95
CA GLY B 249 23.42 -3.28 16.65
C GLY B 249 23.84 -1.98 15.96
N LEU B 250 24.78 -2.08 15.00
CA LEU B 250 25.31 -0.92 14.26
C LEU B 250 24.41 -0.45 13.11
N LEU B 251 23.24 -1.06 12.96
CA LEU B 251 22.26 -0.56 12.00
C LEU B 251 21.61 0.73 12.53
N PHE B 252 21.71 0.97 13.84
CA PHE B 252 21.18 2.17 14.44
C PHE B 252 22.29 2.96 15.06
N ARG B 253 22.13 4.26 15.13
CA ARG B 253 23.16 5.12 15.72
C ARG B 253 22.38 6.11 16.54
N PHE B 254 22.29 5.74 17.83
CA PHE B 254 21.61 6.51 18.87
C PHE B 254 22.65 7.42 19.53
N VAL B 276 22.67 12.25 8.32
CA VAL B 276 22.05 12.89 9.50
C VAL B 276 21.82 11.95 10.73
N CYS B 277 21.85 12.51 11.94
CA CYS B 277 21.52 11.77 13.16
C CYS B 277 19.98 11.71 13.31
N ARG B 278 19.42 10.51 13.19
CA ARG B 278 17.97 10.42 13.13
C ARG B 278 17.34 9.32 14.00
N ASP B 279 18.17 8.57 14.72
CA ASP B 279 17.74 7.53 15.56
C ASP B 279 17.67 8.03 16.99
N VAL B 280 16.65 7.58 17.71
CA VAL B 280 16.49 7.82 19.14
C VAL B 280 16.00 6.58 19.85
N LEU B 281 16.56 6.31 21.04
CA LEU B 281 16.20 5.18 21.84
C LEU B 281 15.53 5.63 23.16
N PHE B 282 14.31 5.17 23.41
CA PHE B 282 13.62 5.40 24.67
C PHE B 282 13.47 4.09 25.39
N ARG B 283 14.20 4.00 26.50
CA ARG B 283 14.24 2.81 27.30
C ARG B 283 13.26 2.89 28.42
N GLY B 284 13.21 1.82 29.24
CA GLY B 284 12.23 1.69 30.26
C GLY B 284 11.04 0.96 29.69
N ASP B 285 9.88 1.21 30.27
CA ASP B 285 8.63 0.53 29.90
C ASP B 285 7.97 1.25 28.70
N CYS B 286 7.73 0.50 27.63
CA CYS B 286 7.09 1.08 26.43
C CYS B 286 5.69 1.56 26.74
N GLN B 287 4.99 0.91 27.68
CA GLN B 287 3.65 1.40 27.96
C GLN B 287 3.65 2.85 28.52
N GLU B 288 4.59 3.15 29.41
CA GLU B 288 4.75 4.51 29.96
C GLU B 288 5.24 5.48 28.92
N ASN B 289 6.15 5.05 28.08
CA ASN B 289 6.65 5.97 27.05
C ASN B 289 5.55 6.34 26.07
N VAL B 290 4.66 5.39 25.73
CA VAL B 290 3.57 5.71 24.85
C VAL B 290 2.61 6.71 25.54
N VAL B 291 2.38 6.53 26.83
CA VAL B 291 1.49 7.39 27.58
C VAL B 291 2.07 8.82 27.58
N THR B 292 3.37 8.96 27.85
CA THR B 292 4.06 10.31 27.85
C THR B 292 4.02 10.92 26.50
N LEU B 293 4.27 10.12 25.47
CA LEU B 293 4.10 10.60 24.09
C LEU B 293 2.71 11.09 23.72
N ALA B 294 1.70 10.31 24.06
CA ALA B 294 0.31 10.70 23.90
C ALA B 294 0.01 12.02 24.60
N GLU B 295 0.58 12.21 25.77
CA GLU B 295 0.44 13.45 26.51
C GLU B 295 0.89 14.64 25.70
N TYR B 296 2.10 14.60 25.16
CA TYR B 296 2.61 15.77 24.44
C TYR B 296 1.91 15.91 23.15
N LEU B 297 1.27 14.84 22.66
CA LEU B 297 0.49 14.91 21.41
C LEU B 297 -0.94 15.45 21.59
N GLY B 298 -1.38 15.70 22.84
CA GLY B 298 -2.78 16.06 23.10
C GLY B 298 -3.74 14.88 23.00
N LEU B 299 -3.24 13.66 23.21
CA LEU B 299 -4.09 12.47 23.13
C LEU B 299 -4.24 11.74 24.49
N SER B 300 -3.80 12.34 25.59
CA SER B 300 -3.85 11.63 26.86
C SER B 300 -5.25 11.26 27.35
N GLU B 301 -6.24 12.14 27.08
CA GLU B 301 -7.64 11.85 27.48
C GLU B 301 -8.21 10.68 26.71
N ALA B 302 -8.12 10.77 25.37
CA ALA B 302 -8.50 9.63 24.51
C ALA B 302 -7.79 8.35 24.94
N LEU B 303 -6.49 8.43 25.22
CA LEU B 303 -5.81 7.20 25.53
C LEU B 303 -6.33 6.68 26.89
N ALA B 304 -6.51 7.59 27.85
CA ALA B 304 -6.94 7.16 29.19
C ALA B 304 -8.32 6.46 29.10
N LYS B 305 -9.20 7.00 28.25
CA LYS B 305 -10.55 6.48 28.06
C LYS B 305 -10.50 5.04 27.53
N ARG B 306 -9.64 4.82 26.54
CA ARG B 306 -9.53 3.48 25.99
C ARG B 306 -8.92 2.50 26.98
N MET B 307 -7.94 2.96 27.72
CA MET B 307 -7.27 2.09 28.67
C MET B 307 -8.26 1.72 29.76
N ARG B 308 -9.19 2.60 30.14
CA ARG B 308 -10.19 2.16 31.18
C ARG B 308 -11.05 0.96 30.75
N LEU B 309 -11.40 0.88 29.46
CA LEU B 309 -12.21 -0.23 28.90
C LEU B 309 -11.56 -1.63 28.96
N SER B 310 -10.23 -1.73 28.93
CA SER B 310 -9.55 -3.06 28.86
C SER B 310 -8.63 -3.39 30.05
N ASP B 311 -8.70 -2.60 31.14
CA ASP B 311 -7.98 -2.90 32.40
C ASP B 311 -8.85 -3.64 33.40
N ARG C 8 -22.62 13.68 -14.60
CA ARG C 8 -21.27 14.31 -14.77
C ARG C 8 -21.01 15.23 -13.61
N HIS C 9 -19.88 15.02 -12.94
CA HIS C 9 -19.34 16.02 -12.02
C HIS C 9 -17.82 16.08 -12.12
N LYS C 10 -17.27 17.13 -11.53
CA LYS C 10 -15.86 17.45 -11.59
C LYS C 10 -14.98 16.53 -10.73
N LEU C 12 -12.85 15.23 -7.96
CA LEU C 12 -12.90 15.46 -6.52
C LEU C 12 -12.36 14.34 -5.71
N MET C 13 -12.17 14.64 -4.43
CA MET C 13 -11.80 13.64 -3.46
C MET C 13 -12.37 13.98 -2.11
N PHE C 14 -12.67 12.95 -1.33
CA PHE C 14 -13.28 13.17 -0.02
C PHE C 14 -12.16 13.38 0.98
N LYS C 15 -12.15 14.57 1.60
CA LYS C 15 -11.05 15.02 2.44
C LYS C 15 -11.58 15.05 3.86
N SER D 7 13.01 -11.75 -4.47
CA SER D 7 13.06 -10.64 -3.45
C SER D 7 12.19 -10.96 -2.21
N ARG D 8 12.09 -12.26 -1.91
CA ARG D 8 11.20 -12.83 -0.89
C ARG D 8 11.88 -14.02 -0.26
N HIS D 9 11.99 -14.03 1.06
CA HIS D 9 12.41 -15.22 1.74
C HIS D 9 11.58 -15.51 2.98
N LYS D 10 11.71 -16.75 3.39
CA LYS D 10 11.05 -17.32 4.55
C LYS D 10 11.56 -16.74 5.90
N LEU D 12 13.28 -16.47 9.20
CA LEU D 12 14.50 -17.07 9.75
C LEU D 12 15.12 -16.23 10.85
N MET D 13 16.00 -16.86 11.61
CA MET D 13 16.87 -16.22 12.60
C MET D 13 18.29 -16.65 12.34
N PHE D 14 19.25 -15.85 12.73
CA PHE D 14 20.66 -16.28 12.66
C PHE D 14 21.09 -16.82 14.04
N LYS D 15 21.63 -18.02 14.06
CA LYS D 15 22.54 -18.44 15.13
C LYS D 15 23.35 -19.61 14.66
#